data_9E75
#
_entry.id   9E75
#
_cell.length_a   1.00
_cell.length_b   1.00
_cell.length_c   1.00
_cell.angle_alpha   90.00
_cell.angle_beta   90.00
_cell.angle_gamma   90.00
#
_symmetry.space_group_name_H-M   'P 1'
#
_entity_poly.entity_id   1
_entity_poly.type   'polyribonucleotide'
_entity_poly.pdbx_seq_one_letter_code
;GGUAAGGUCAUGUUCGUGGUUGAAAGUCCAAGCCAGCUACGGGCAAAGGGAUCCACGUAAGCUGCUGCGGAGACGGCAGU
GAUCAUGGCGUAGCUUAGAAGUAAGUCCUCCGGGAAACUCGGGUUAAGGCAAGUGUGGGGUCAAAAACCAGGUCGAGUGG
CCUUG
;
_entity_poly.pdbx_strand_id   A
#